data_6FBG
#
_entry.id   6FBG
#
_cell.length_a   109.288
_cell.length_b   109.288
_cell.length_c   90.723
_cell.angle_alpha   90.00
_cell.angle_beta   90.00
_cell.angle_gamma   120.00
#
_symmetry.space_group_name_H-M   'P 31 2 1'
#
loop_
_entity.id
_entity.type
_entity.pdbx_description
1 polymer 'DNA polymerase I, thermostable'
2 polymer "DNA (5'-D(*GP*AP*CP*CP*AP*CP*AP*(OH3)P*CP*GP*GP*C)-3')"
3 polymer "DNA (5'-D(*AP*AP*AP*CP*GP*CP*CP*GP*GP*TP*GP*TP*GP*GP*TP*C)-3')"
4 non-polymer 'MANGANESE (II) ION'
5 non-polymer 1,2-ETHANEDIOL
6 non-polymer "2'-deoxy-5'-O-[(R)-hydroxy{[(R)-hydroxy(phosphonooxy)phosphoryl]amino}phosphoryl]guanosine"
7 water water
#
loop_
_entity_poly.entity_id
_entity_poly.type
_entity_poly.pdbx_seq_one_letter_code
_entity_poly.pdbx_strand_id
1 'polypeptide(L)'
;MALEEAPWPPPEGAFVGFVLSRKEPMWADLLALAAARGGRVHRAPEPYKALRDLKEARGLLAKDLSVLALREGLGLPPGD
DPMLLAYLLDPSNTTPEGVARRYGGEWTEEAGERAALSERLFANLWGRLEGEERLLWLYREVERPLSAVLAHMEATGVRL
DVAYLRALSLEVAEEIARLEAEVFRLAGHPFNLNSRDQLERVLFDELGLPAIGKTEKTGKRSTSAAVLEALREAHPIVEK
ILQYRELTKLKSTYIDPLPDLIHPRTGRLHTRFNQTATATGRLSSSDPNLQNIPVRTPLGQRIRRAFIAEEGWLLVALDY
SQIELRVLAHLSGDENLIRVFQEGRDIHTETASWMFGVPREAVDPLMRRAAKTINFGVLYGMSAHRLSQELAIPYEEAQA
FIERYFQSFPKVRAWIEKTLEEGRRRGYVETLFGRRRYVPDLEARVKSVREAAERMAFNMPVQGTAADLMKLAMVKLFPR
LEEMGARMLLQVHDELVLEAPKERAEAVARLAKEVMEGVYPLAVPLEVEVGIGEDWLSAKE
;
A
2 'polydeoxyribonucleotide' (DG)(DA)(DC)(DC)(DA)(DC)(DA)(D4B)(DC)(DG)(DG)(DC) B
3 'polydeoxyribonucleotide' (DA)(DA)(DA)(DC)(DG)(DC)(DC)(DG)(DG)(DT)(DG)(DT)(DG)(DG)(DT)(DC) C
#
loop_
_chem_comp.id
_chem_comp.type
_chem_comp.name
_chem_comp.formula
D4B DNA linking '[(2~{R},3~{S},5~{R})-5-[4-azanyl-5-[2-(4-ethynylphenyl)ethynyl]-2-oxidanylidene-pyrimidin-1-yl]-3-oxidanyl-oxolan-2-yl]methyl dihydrogen phosphate' 'C19 H18 N3 O7 P'
DA DNA linking 2'-DEOXYADENOSINE-5'-MONOPHOSPHATE 'C10 H14 N5 O6 P'
DC DNA linking 2'-DEOXYCYTIDINE-5'-MONOPHOSPHATE 'C9 H14 N3 O7 P'
DG DNA linking 2'-DEOXYGUANOSINE-5'-MONOPHOSPHATE 'C10 H14 N5 O7 P'
DT DNA linking THYMIDINE-5'-MONOPHOSPHATE 'C10 H15 N2 O8 P'
EDO non-polymer 1,2-ETHANEDIOL 'C2 H6 O2'
MN non-polymer 'MANGANESE (II) ION' 'Mn 2'
XG4 non-polymer 2'-deoxy-5'-O-[(R)-hydroxy{[(R)-hydroxy(phosphonooxy)phosphoryl]amino}phosphoryl]guanosine 'C10 H17 N6 O12 P3'
#
# COMPACT_ATOMS: atom_id res chain seq x y z
N LEU A 3 24.37 14.09 27.92
CA LEU A 3 23.31 13.90 28.92
C LEU A 3 23.85 13.21 30.15
N GLU A 4 23.42 13.68 31.32
CA GLU A 4 23.81 13.06 32.57
C GLU A 4 23.10 11.72 32.75
N GLU A 5 23.85 10.70 33.14
CA GLU A 5 23.28 9.38 33.34
C GLU A 5 22.52 9.33 34.66
N ALA A 6 21.28 8.90 34.61
CA ALA A 6 20.43 8.79 35.79
C ALA A 6 19.81 7.41 35.85
N PRO A 7 19.40 6.96 37.04
CA PRO A 7 18.86 5.61 37.17
C PRO A 7 17.48 5.49 36.53
N TRP A 8 17.19 4.28 36.06
CA TRP A 8 15.84 3.94 35.67
C TRP A 8 14.94 3.95 36.90
N PRO A 9 13.66 4.36 36.77
CA PRO A 9 12.91 4.80 35.58
C PRO A 9 13.02 6.28 35.26
N PRO A 10 12.63 6.66 34.04
CA PRO A 10 12.67 8.07 33.66
C PRO A 10 11.41 8.78 34.13
N PRO A 11 11.40 10.11 34.12
CA PRO A 11 10.19 10.84 34.48
C PRO A 11 9.12 10.64 33.41
N GLU A 12 7.93 11.17 33.71
CA GLU A 12 6.83 11.10 32.77
C GLU A 12 7.08 12.02 31.58
N GLY A 13 6.80 11.52 30.38
CA GLY A 13 6.97 12.29 29.17
C GLY A 13 8.33 12.15 28.51
N ALA A 14 9.21 11.31 29.03
CA ALA A 14 10.52 11.14 28.43
C ALA A 14 10.42 10.47 27.07
N PHE A 15 11.44 10.72 26.23
CA PHE A 15 11.54 10.09 24.93
C PHE A 15 12.31 8.78 25.05
N VAL A 16 11.88 7.75 24.32
CA VAL A 16 12.50 6.43 24.41
C VAL A 16 13.42 6.20 23.24
N GLY A 17 14.45 5.39 23.49
CA GLY A 17 15.19 4.76 22.43
C GLY A 17 15.31 3.27 22.74
N PHE A 18 15.41 2.47 21.68
CA PHE A 18 15.40 1.03 21.86
C PHE A 18 16.12 0.37 20.70
N VAL A 19 16.61 -0.84 20.96
CA VAL A 19 17.34 -1.63 19.99
C VAL A 19 16.68 -2.99 19.88
N LEU A 20 16.26 -3.34 18.68
CA LEU A 20 15.64 -4.64 18.39
C LEU A 20 16.64 -5.55 17.71
N SER A 21 16.54 -6.85 18.01
CA SER A 21 17.37 -7.85 17.35
C SER A 21 17.07 -7.92 15.85
N ARG A 22 15.91 -7.42 15.42
CA ARG A 22 15.54 -7.44 14.02
C ARG A 22 14.43 -6.41 13.81
N LYS A 23 14.21 -6.05 12.55
CA LYS A 23 13.32 -4.93 12.26
C LYS A 23 11.87 -5.21 12.62
N GLU A 24 11.43 -6.47 12.52
CA GLU A 24 10.02 -6.80 12.72
C GLU A 24 9.69 -6.85 14.21
N PRO A 25 8.85 -5.94 14.73
CA PRO A 25 8.61 -5.93 16.18
C PRO A 25 7.92 -7.18 16.72
N MET A 26 7.08 -7.85 15.93
CA MET A 26 6.43 -9.06 16.42
C MET A 26 7.40 -10.22 16.58
N TRP A 27 8.60 -10.12 16.00
CA TRP A 27 9.58 -11.20 16.04
C TRP A 27 10.86 -10.85 16.76
N ALA A 28 11.02 -9.60 17.21
CA ALA A 28 12.30 -9.12 17.69
C ALA A 28 12.49 -9.38 19.17
N ASP A 29 13.74 -9.56 19.57
CA ASP A 29 14.14 -9.47 20.96
C ASP A 29 14.43 -8.02 21.30
N LEU A 30 14.00 -7.60 22.49
CA LEU A 30 14.25 -6.23 22.96
C LEU A 30 15.63 -6.22 23.62
N LEU A 31 16.64 -5.74 22.89
CA LEU A 31 18.01 -5.83 23.36
C LEU A 31 18.37 -4.73 24.35
N ALA A 32 17.83 -3.53 24.17
CA ALA A 32 18.14 -2.42 25.05
C ALA A 32 17.00 -1.42 25.02
N LEU A 33 16.85 -0.69 26.13
CA LEU A 33 15.79 0.30 26.28
C LEU A 33 16.34 1.45 27.11
N ALA A 34 16.06 2.68 26.66
CA ALA A 34 16.56 3.87 27.33
C ALA A 34 15.57 4.99 27.13
N ALA A 35 15.69 6.02 27.97
CA ALA A 35 14.82 7.18 27.89
C ALA A 35 15.61 8.44 28.23
N ALA A 36 15.15 9.57 27.71
CA ALA A 36 15.85 10.84 27.86
C ALA A 36 14.86 11.95 28.16
N ARG A 37 15.24 12.83 29.08
CA ARG A 37 14.40 13.96 29.46
C ARG A 37 15.19 14.86 30.40
N GLY A 38 14.95 16.16 30.28
CA GLY A 38 15.51 17.12 31.23
C GLY A 38 17.01 17.07 31.35
N GLY A 39 17.72 16.81 30.26
CA GLY A 39 19.15 16.73 30.28
C GLY A 39 19.72 15.44 30.84
N ARG A 40 18.88 14.43 31.07
CA ARG A 40 19.32 13.16 31.61
C ARG A 40 18.90 12.03 30.69
N VAL A 41 19.65 10.92 30.76
CA VAL A 41 19.35 9.71 30.02
C VAL A 41 19.24 8.57 31.02
N HIS A 42 18.18 7.77 30.90
CA HIS A 42 17.92 6.65 31.78
C HIS A 42 18.00 5.36 30.98
N ARG A 43 18.96 4.51 31.32
CA ARG A 43 19.14 3.22 30.64
C ARG A 43 18.55 2.12 31.51
N ALA A 44 17.76 1.24 30.90
CA ALA A 44 17.02 0.21 31.63
C ALA A 44 17.91 -1.02 31.85
N PRO A 45 18.09 -1.47 33.09
CA PRO A 45 18.86 -2.73 33.28
C PRO A 45 18.19 -3.94 32.66
N GLU A 46 16.87 -4.07 32.85
CA GLU A 46 16.10 -5.21 32.33
C GLU A 46 15.05 -4.65 31.38
N PRO A 47 15.34 -4.60 30.07
CA PRO A 47 14.44 -3.87 29.15
C PRO A 47 13.01 -4.35 29.18
N TYR A 48 12.77 -5.67 29.19
CA TYR A 48 11.40 -6.17 29.14
C TYR A 48 10.59 -5.68 30.33
N LYS A 49 11.07 -5.97 31.55
CA LYS A 49 10.39 -5.47 32.74
C LYS A 49 10.29 -3.95 32.74
N ALA A 50 11.29 -3.27 32.15
CA ALA A 50 11.29 -1.82 32.14
C ALA A 50 10.16 -1.24 31.31
N LEU A 51 9.59 -2.01 30.38
CA LEU A 51 8.47 -1.50 29.59
C LEU A 51 7.27 -1.14 30.47
N ARG A 52 7.07 -1.88 31.56
CA ARG A 52 5.92 -1.62 32.43
C ARG A 52 5.97 -0.23 33.06
N ASP A 53 7.13 0.43 33.05
CA ASP A 53 7.28 1.72 33.70
C ASP A 53 6.87 2.89 32.80
N LEU A 54 6.61 2.64 31.53
CA LEU A 54 6.33 3.70 30.57
C LEU A 54 4.84 3.92 30.43
N LYS A 55 4.44 5.20 30.38
CA LYS A 55 3.05 5.54 30.10
C LYS A 55 2.74 5.46 28.61
N GLU A 56 3.71 5.81 27.77
CA GLU A 56 3.55 5.76 26.32
C GLU A 56 4.92 5.58 25.69
N ALA A 57 4.92 5.12 24.45
CA ALA A 57 6.14 5.05 23.64
C ALA A 57 6.25 6.34 22.84
N ARG A 58 7.19 7.21 23.23
CA ARG A 58 7.36 8.53 22.64
C ARG A 58 8.77 8.63 22.07
N GLY A 59 8.88 8.60 20.75
CA GLY A 59 10.17 8.73 20.11
C GLY A 59 10.18 8.11 18.73
N LEU A 60 11.38 8.03 18.17
CA LEU A 60 11.57 7.49 16.83
C LEU A 60 11.05 6.06 16.77
N LEU A 61 10.29 5.75 15.73
CA LEU A 61 9.76 4.40 15.50
C LEU A 61 8.89 3.96 16.66
N ALA A 62 8.15 4.90 17.26
CA ALA A 62 7.36 4.60 18.46
C ALA A 62 6.45 3.40 18.26
N LYS A 63 5.82 3.28 17.09
CA LYS A 63 4.87 2.18 16.88
C LYS A 63 5.55 0.82 17.04
N ASP A 64 6.79 0.69 16.56
CA ASP A 64 7.48 -0.59 16.69
C ASP A 64 7.55 -1.05 18.14
N LEU A 65 7.89 -0.14 19.07
CA LEU A 65 7.99 -0.53 20.47
C LEU A 65 6.61 -0.82 21.03
N SER A 66 5.58 -0.11 20.59
CA SER A 66 4.22 -0.38 21.04
C SER A 66 3.76 -1.77 20.60
N VAL A 67 4.06 -2.15 19.36
CA VAL A 67 3.69 -3.47 18.88
C VAL A 67 4.36 -4.55 19.75
N LEU A 68 5.64 -4.37 20.04
CA LEU A 68 6.34 -5.35 20.87
C LEU A 68 5.74 -5.41 22.26
N ALA A 69 5.34 -4.26 22.82
CA ALA A 69 4.71 -4.25 24.13
C ALA A 69 3.38 -4.97 24.10
N LEU A 70 2.55 -4.72 23.08
CA LEU A 70 1.29 -5.43 22.95
C LEU A 70 1.51 -6.93 22.80
N ARG A 71 2.56 -7.31 22.07
CA ARG A 71 2.90 -8.73 21.96
C ARG A 71 3.10 -9.35 23.32
N GLU A 72 3.68 -8.60 24.25
CA GLU A 72 3.97 -9.09 25.60
C GLU A 72 2.83 -8.81 26.57
N GLY A 73 1.67 -8.38 26.08
CA GLY A 73 0.52 -8.16 26.94
C GLY A 73 0.48 -6.82 27.64
N LEU A 74 1.28 -5.85 27.22
CA LEU A 74 1.32 -4.53 27.83
C LEU A 74 0.67 -3.52 26.91
N GLY A 75 -0.30 -2.78 27.43
CA GLY A 75 -1.00 -1.79 26.65
C GLY A 75 -0.25 -0.47 26.58
N LEU A 76 0.89 -0.47 25.91
CA LEU A 76 1.71 0.71 25.79
C LEU A 76 1.41 1.40 24.46
N PRO A 77 0.77 2.57 24.45
CA PRO A 77 0.44 3.21 23.17
C PRO A 77 1.62 4.01 22.66
N PRO A 78 1.72 4.21 21.34
CA PRO A 78 2.72 5.13 20.81
C PRO A 78 2.24 6.56 20.86
N GLY A 79 3.15 7.48 21.16
CA GLY A 79 2.85 8.89 21.16
C GLY A 79 3.61 9.63 20.07
N ASP A 80 4.17 10.78 20.41
CA ASP A 80 4.93 11.56 19.43
C ASP A 80 6.03 10.71 18.81
N ASP A 81 6.24 10.93 17.51
CA ASP A 81 7.31 10.26 16.78
C ASP A 81 7.91 11.25 15.79
N PRO A 82 9.16 11.67 15.96
CA PRO A 82 9.76 12.62 15.01
C PRO A 82 9.68 12.17 13.56
N MET A 83 9.61 10.86 13.31
CA MET A 83 9.48 10.39 11.94
C MET A 83 8.20 10.92 11.29
N LEU A 84 7.10 10.93 12.04
CA LEU A 84 5.84 11.41 11.48
C LEU A 84 5.89 12.92 11.21
N LEU A 85 6.53 13.68 12.08
CA LEU A 85 6.72 15.11 11.83
C LEU A 85 7.51 15.32 10.55
N ALA A 86 8.65 14.65 10.42
CA ALA A 86 9.48 14.81 9.24
C ALA A 86 8.75 14.37 7.98
N TYR A 87 8.02 13.25 8.07
CA TYR A 87 7.30 12.73 6.91
C TYR A 87 6.25 13.73 6.41
N LEU A 88 5.58 14.42 7.34
CA LEU A 88 4.59 15.42 6.93
C LEU A 88 5.26 16.66 6.33
N LEU A 89 6.44 17.04 6.81
CA LEU A 89 7.15 18.17 6.22
C LEU A 89 7.65 17.84 4.83
N ASP A 90 8.07 16.59 4.61
CA ASP A 90 8.64 16.15 3.35
C ASP A 90 8.57 14.63 3.30
N PRO A 91 7.68 14.04 2.51
CA PRO A 91 7.52 12.57 2.53
C PRO A 91 8.72 11.81 1.97
N SER A 92 9.76 12.49 1.50
CA SER A 92 11.01 11.79 1.24
C SER A 92 11.76 11.47 2.53
N ASN A 93 11.28 11.97 3.68
CA ASN A 93 11.83 11.62 4.99
C ASN A 93 11.21 10.30 5.41
N THR A 94 11.89 9.20 5.07
CA THR A 94 11.35 7.86 5.27
C THR A 94 12.14 6.99 6.23
N THR A 95 13.39 7.33 6.54
N THR A 95 13.40 7.34 6.54
CA THR A 95 14.23 6.50 7.37
CA THR A 95 14.24 6.52 7.39
C THR A 95 14.82 7.32 8.52
C THR A 95 14.76 7.32 8.57
N PRO A 96 14.99 6.71 9.69
N PRO A 96 15.05 6.66 9.70
CA PRO A 96 15.67 7.44 10.78
CA PRO A 96 15.69 7.39 10.80
C PRO A 96 17.07 7.88 10.43
C PRO A 96 17.09 7.85 10.47
N GLU A 97 17.81 7.10 9.63
CA GLU A 97 19.15 7.51 9.21
C GLU A 97 19.10 8.88 8.54
N GLY A 98 18.19 9.05 7.57
CA GLY A 98 18.12 10.31 6.85
C GLY A 98 17.55 11.43 7.69
N VAL A 99 16.50 11.15 8.46
CA VAL A 99 15.89 12.18 9.30
C VAL A 99 16.90 12.71 10.31
N ALA A 100 17.70 11.82 10.89
CA ALA A 100 18.72 12.25 11.84
C ALA A 100 19.74 13.17 11.17
N ARG A 101 20.34 12.71 10.08
CA ARG A 101 21.33 13.53 9.38
C ARG A 101 20.74 14.88 8.98
N ARG A 102 19.45 14.92 8.66
CA ARG A 102 18.83 16.14 8.16
C ARG A 102 18.45 17.11 9.27
N TYR A 103 18.06 16.61 10.45
CA TYR A 103 17.50 17.46 11.48
C TYR A 103 18.28 17.47 12.79
N GLY A 104 19.49 16.90 12.80
CA GLY A 104 20.45 17.25 13.84
C GLY A 104 20.93 16.12 14.73
N GLY A 105 21.25 14.98 14.15
CA GLY A 105 21.80 13.91 14.94
C GLY A 105 22.30 12.78 14.06
N GLU A 106 22.63 11.67 14.71
CA GLU A 106 23.11 10.47 14.03
C GLU A 106 22.37 9.27 14.59
N TRP A 107 21.81 8.46 13.69
CA TRP A 107 21.12 7.23 14.08
C TRP A 107 22.16 6.16 14.35
N THR A 108 22.34 5.79 15.61
CA THR A 108 23.35 4.82 16.03
C THR A 108 22.67 3.51 16.39
N GLU A 109 23.43 2.61 17.02
CA GLU A 109 22.93 1.31 17.46
C GLU A 109 22.88 1.20 18.98
N GLU A 110 22.78 2.32 19.69
CA GLU A 110 22.76 2.34 21.14
C GLU A 110 21.46 3.00 21.60
N ALA A 111 20.79 2.38 22.58
CA ALA A 111 19.47 2.84 22.98
C ALA A 111 19.52 4.24 23.58
N GLY A 112 20.48 4.51 24.46
CA GLY A 112 20.56 5.82 25.07
C GLY A 112 20.75 6.93 24.07
N GLU A 113 21.62 6.71 23.07
CA GLU A 113 21.83 7.71 22.04
C GLU A 113 20.59 7.89 21.18
N ARG A 114 19.84 6.80 20.94
CA ARG A 114 18.60 6.91 20.18
C ARG A 114 17.55 7.69 20.95
N ALA A 115 17.51 7.54 22.28
CA ALA A 115 16.60 8.34 23.08
C ALA A 115 16.97 9.81 23.03
N ALA A 116 18.26 10.12 23.25
CA ALA A 116 18.71 11.51 23.13
C ALA A 116 18.40 12.07 21.75
N LEU A 117 18.61 11.25 20.71
CA LEU A 117 18.30 11.68 19.35
C LEU A 117 16.81 12.00 19.20
N SER A 118 15.95 11.12 19.70
CA SER A 118 14.52 11.34 19.60
C SER A 118 14.11 12.67 20.22
N GLU A 119 14.70 13.01 21.37
CA GLU A 119 14.37 14.26 22.04
C GLU A 119 14.83 15.45 21.21
N ARG A 120 16.08 15.40 20.75
CA ARG A 120 16.63 16.50 19.95
C ARG A 120 15.82 16.70 18.68
N LEU A 121 15.52 15.61 17.96
CA LEU A 121 14.82 15.72 16.69
C LEU A 121 13.40 16.25 16.88
N PHE A 122 12.69 15.78 17.91
CA PHE A 122 11.33 16.28 18.13
C PHE A 122 11.33 17.78 18.38
N ALA A 123 12.26 18.26 19.20
CA ALA A 123 12.37 19.70 19.43
C ALA A 123 12.51 20.46 18.13
N ASN A 124 13.48 20.06 17.30
CA ASN A 124 13.73 20.79 16.06
C ASN A 124 12.56 20.66 15.10
N LEU A 125 12.06 19.44 14.90
CA LEU A 125 10.99 19.23 13.94
C LEU A 125 9.68 19.90 14.38
N TRP A 126 9.40 19.88 15.69
CA TRP A 126 8.20 20.57 16.17
C TRP A 126 8.26 22.06 15.81
N GLY A 127 9.43 22.68 15.97
CA GLY A 127 9.56 24.09 15.63
C GLY A 127 9.40 24.35 14.15
N ARG A 128 9.82 23.41 13.31
CA ARG A 128 9.67 23.59 11.87
C ARG A 128 8.21 23.53 11.43
N LEU A 129 7.32 23.01 12.28
CA LEU A 129 5.90 22.96 11.99
C LEU A 129 5.13 24.14 12.60
N GLU A 130 5.84 25.15 13.09
CA GLU A 130 5.18 26.36 13.56
C GLU A 130 4.54 27.08 12.39
N GLY A 131 3.24 27.38 12.52
CA GLY A 131 2.49 28.02 11.46
C GLY A 131 1.96 27.08 10.39
N GLU A 132 2.45 25.84 10.33
CA GLU A 132 1.96 24.85 9.37
C GLU A 132 0.66 24.24 9.92
N GLU A 133 -0.37 25.09 9.98
CA GLU A 133 -1.61 24.71 10.63
C GLU A 133 -2.19 23.43 10.04
N ARG A 134 -2.10 23.27 8.72
CA ARG A 134 -2.72 22.11 8.08
C ARG A 134 -1.92 20.83 8.35
N LEU A 135 -0.59 20.90 8.27
CA LEU A 135 0.21 19.74 8.61
C LEU A 135 0.11 19.41 10.09
N LEU A 136 -0.01 20.44 10.93
CA LEU A 136 -0.23 20.20 12.36
C LEU A 136 -1.56 19.49 12.59
N TRP A 137 -2.60 19.86 11.84
CA TRP A 137 -3.88 19.18 11.96
C TRP A 137 -3.78 17.72 11.52
N LEU A 138 -3.04 17.46 10.43
CA LEU A 138 -2.85 16.08 9.99
C LEU A 138 -2.08 15.28 11.03
N TYR A 139 -1.10 15.89 11.68
CA TYR A 139 -0.33 15.18 12.70
C TYR A 139 -1.19 14.82 13.90
N ARG A 140 -1.86 15.82 14.48
CA ARG A 140 -2.58 15.61 15.73
C ARG A 140 -3.86 14.80 15.50
N GLU A 141 -4.53 15.01 14.37
CA GLU A 141 -5.85 14.43 14.16
C GLU A 141 -5.84 13.17 13.31
N VAL A 142 -4.73 12.88 12.62
CA VAL A 142 -4.68 11.70 11.75
C VAL A 142 -3.47 10.83 12.10
N GLU A 143 -2.26 11.34 11.82
CA GLU A 143 -1.09 10.48 11.82
C GLU A 143 -0.75 9.97 13.21
N ARG A 144 -0.68 10.85 14.20
CA ARG A 144 -0.33 10.39 15.55
C ARG A 144 -1.36 9.42 16.10
N PRO A 145 -2.66 9.70 16.08
CA PRO A 145 -3.62 8.67 16.52
C PRO A 145 -3.61 7.44 15.63
N LEU A 146 -3.39 7.60 14.33
CA LEU A 146 -3.35 6.43 13.44
C LEU A 146 -2.25 5.45 13.85
N SER A 147 -1.14 5.96 14.37
CA SER A 147 -0.05 5.07 14.77
C SER A 147 -0.49 4.11 15.86
N ALA A 148 -1.42 4.53 16.72
CA ALA A 148 -1.97 3.63 17.73
C ALA A 148 -2.87 2.58 17.07
N VAL A 149 -3.71 3.00 16.13
CA VAL A 149 -4.56 2.06 15.40
C VAL A 149 -3.70 1.00 14.73
N LEU A 150 -2.66 1.44 14.00
CA LEU A 150 -1.82 0.50 13.27
C LEU A 150 -1.07 -0.44 14.23
N ALA A 151 -0.60 0.08 15.36
CA ALA A 151 0.06 -0.77 16.34
C ALA A 151 -0.84 -1.93 16.76
N HIS A 152 -2.11 -1.64 17.04
CA HIS A 152 -3.03 -2.70 17.42
C HIS A 152 -3.27 -3.67 16.28
N MET A 153 -3.45 -3.15 15.05
CA MET A 153 -3.63 -4.03 13.90
C MET A 153 -2.43 -4.96 13.72
N GLU A 154 -1.21 -4.42 13.85
CA GLU A 154 -0.03 -5.24 13.68
C GLU A 154 0.04 -6.35 14.73
N ALA A 155 -0.28 -6.03 15.98
CA ALA A 155 -0.19 -7.02 17.06
C ALA A 155 -1.31 -8.05 16.98
N THR A 156 -2.39 -7.77 16.26
CA THR A 156 -3.52 -8.68 16.22
C THR A 156 -3.31 -9.79 15.19
N GLY A 157 -2.91 -9.42 13.97
CA GLY A 157 -2.66 -10.39 12.93
C GLY A 157 -3.94 -10.91 12.30
N VAL A 158 -3.76 -11.78 11.30
CA VAL A 158 -4.86 -12.41 10.58
C VAL A 158 -4.61 -13.91 10.52
N ARG A 159 -5.70 -14.67 10.59
CA ARG A 159 -5.62 -16.13 10.59
C ARG A 159 -5.45 -16.66 9.18
N LEU A 160 -4.62 -17.70 9.04
CA LEU A 160 -4.28 -18.28 7.74
C LEU A 160 -4.51 -19.78 7.79
N ASP A 161 -5.16 -20.31 6.76
CA ASP A 161 -5.41 -21.76 6.65
C ASP A 161 -4.14 -22.40 6.13
N VAL A 162 -3.26 -22.79 7.05
CA VAL A 162 -1.95 -23.31 6.68
C VAL A 162 -2.09 -24.65 5.96
N ALA A 163 -2.87 -25.57 6.53
CA ALA A 163 -3.01 -26.89 5.93
C ALA A 163 -3.49 -26.79 4.49
N TYR A 164 -4.48 -25.93 4.24
CA TYR A 164 -4.96 -25.66 2.89
C TYR A 164 -3.81 -25.26 1.98
N LEU A 165 -3.01 -24.28 2.40
CA LEU A 165 -1.92 -23.81 1.55
C LEU A 165 -0.84 -24.87 1.36
N ARG A 166 -0.60 -25.72 2.37
CA ARG A 166 0.35 -26.80 2.21
C ARG A 166 -0.10 -27.76 1.11
N ALA A 167 -1.38 -28.13 1.13
CA ALA A 167 -1.90 -29.03 0.10
C ALA A 167 -1.89 -28.36 -1.27
N LEU A 168 -2.24 -27.06 -1.31
CA LEU A 168 -2.21 -26.33 -2.58
C LEU A 168 -0.81 -26.32 -3.18
N SER A 169 0.22 -26.19 -2.34
CA SER A 169 1.58 -26.13 -2.84
C SER A 169 1.93 -27.36 -3.66
N LEU A 170 1.50 -28.54 -3.22
CA LEU A 170 1.84 -29.78 -3.90
C LEU A 170 1.17 -29.86 -5.27
N GLU A 171 -0.09 -29.44 -5.36
CA GLU A 171 -0.78 -29.44 -6.65
C GLU A 171 -0.12 -28.47 -7.62
N VAL A 172 0.23 -27.28 -7.14
CA VAL A 172 0.88 -26.29 -8.00
C VAL A 172 2.26 -26.78 -8.43
N ALA A 173 2.97 -27.49 -7.55
CA ALA A 173 4.27 -28.03 -7.90
C ALA A 173 4.16 -28.99 -9.09
N GLU A 174 3.16 -29.87 -9.08
CA GLU A 174 3.00 -30.82 -10.17
C GLU A 174 2.72 -30.10 -11.50
N GLU A 175 1.88 -29.06 -11.45
CA GLU A 175 1.57 -28.31 -12.67
C GLU A 175 2.78 -27.56 -13.19
N ILE A 176 3.58 -26.97 -12.29
CA ILE A 176 4.81 -26.31 -12.70
C ILE A 176 5.71 -27.30 -13.43
N ALA A 177 5.78 -28.54 -12.94
CA ALA A 177 6.61 -29.56 -13.60
C ALA A 177 6.14 -29.79 -15.02
N ARG A 178 4.83 -29.93 -15.23
CA ARG A 178 4.31 -30.16 -16.57
C ARG A 178 4.66 -28.99 -17.49
N LEU A 179 4.64 -27.77 -16.97
CA LEU A 179 4.91 -26.61 -17.81
C LEU A 179 6.38 -26.49 -18.16
N GLU A 180 7.27 -26.66 -17.17
CA GLU A 180 8.70 -26.53 -17.43
C GLU A 180 9.19 -27.64 -18.36
N ALA A 181 8.74 -28.88 -18.13
CA ALA A 181 9.13 -29.98 -19.00
C ALA A 181 8.73 -29.72 -20.44
N GLU A 182 7.55 -29.11 -20.64
CA GLU A 182 7.11 -28.76 -21.98
C GLU A 182 7.97 -27.65 -22.57
N VAL A 183 8.25 -26.61 -21.78
CA VAL A 183 9.09 -25.51 -22.25
C VAL A 183 10.44 -26.04 -22.71
N PHE A 184 11.05 -26.94 -21.92
CA PHE A 184 12.35 -27.48 -22.30
C PHE A 184 12.26 -28.30 -23.58
N ARG A 185 11.21 -29.11 -23.72
CA ARG A 185 11.02 -29.86 -24.97
C ARG A 185 10.95 -28.91 -26.15
N LEU A 186 10.16 -27.84 -26.03
CA LEU A 186 10.02 -26.88 -27.12
C LEU A 186 11.34 -26.16 -27.38
N ALA A 187 12.10 -25.85 -26.33
CA ALA A 187 13.40 -25.23 -26.50
C ALA A 187 14.42 -26.20 -27.08
N GLY A 188 14.14 -27.50 -27.03
CA GLY A 188 15.09 -28.51 -27.45
C GLY A 188 16.14 -28.85 -26.42
N HIS A 189 16.11 -28.23 -25.25
CA HIS A 189 17.10 -28.49 -24.21
C HIS A 189 16.68 -27.82 -22.91
N PRO A 190 17.06 -28.37 -21.76
CA PRO A 190 16.72 -27.72 -20.50
C PRO A 190 17.61 -26.51 -20.24
N PHE A 191 17.08 -25.61 -19.41
CA PHE A 191 17.80 -24.43 -18.96
C PHE A 191 17.06 -23.91 -17.74
N ASN A 192 17.63 -22.90 -17.10
CA ASN A 192 16.99 -22.34 -15.91
C ASN A 192 15.89 -21.38 -16.36
N LEU A 193 14.65 -21.85 -16.31
CA LEU A 193 13.52 -21.04 -16.76
C LEU A 193 13.21 -19.87 -15.84
N ASN A 194 13.78 -19.85 -14.63
CA ASN A 194 13.68 -18.68 -13.75
C ASN A 194 14.68 -17.59 -14.10
N SER A 195 15.62 -17.87 -15.00
CA SER A 195 16.62 -16.88 -15.41
C SER A 195 16.11 -16.18 -16.66
N ARG A 196 15.79 -14.89 -16.53
CA ARG A 196 15.32 -14.16 -17.70
C ARG A 196 16.43 -13.92 -18.71
N ASP A 197 17.70 -13.97 -18.28
CA ASP A 197 18.81 -13.89 -19.24
C ASP A 197 18.85 -15.13 -20.13
N GLN A 198 18.78 -16.32 -19.52
CA GLN A 198 18.77 -17.55 -20.31
C GLN A 198 17.54 -17.61 -21.20
N LEU A 199 16.38 -17.24 -20.66
CA LEU A 199 15.16 -17.23 -21.47
C LEU A 199 15.29 -16.28 -22.65
N GLU A 200 15.91 -15.11 -22.44
CA GLU A 200 16.10 -14.16 -23.53
C GLU A 200 16.83 -14.81 -24.69
N ARG A 201 17.90 -15.55 -24.39
CA ARG A 201 18.69 -16.19 -25.44
C ARG A 201 17.89 -17.27 -26.14
N VAL A 202 17.07 -18.02 -25.41
CA VAL A 202 16.25 -19.07 -26.02
C VAL A 202 15.25 -18.45 -26.99
N LEU A 203 14.55 -17.41 -26.55
CA LEU A 203 13.46 -16.86 -27.34
C LEU A 203 13.99 -16.14 -28.59
N PHE A 204 15.01 -15.31 -28.42
CA PHE A 204 15.41 -14.38 -29.47
C PHE A 204 16.62 -14.85 -30.28
N ASP A 205 17.54 -15.62 -29.69
CA ASP A 205 18.69 -16.12 -30.44
C ASP A 205 18.43 -17.53 -30.98
N GLU A 206 18.15 -18.49 -30.09
CA GLU A 206 17.94 -19.86 -30.51
C GLU A 206 16.66 -19.99 -31.34
N LEU A 207 15.54 -19.60 -30.75
CA LEU A 207 14.32 -19.43 -31.53
C LEU A 207 14.43 -18.12 -32.31
N GLY A 208 13.55 -17.95 -33.30
CA GLY A 208 13.64 -16.82 -34.20
C GLY A 208 12.70 -15.69 -33.87
N LEU A 209 12.26 -15.60 -32.62
CA LEU A 209 11.22 -14.64 -32.27
C LEU A 209 11.77 -13.22 -32.33
N PRO A 210 10.97 -12.25 -32.78
CA PRO A 210 11.45 -10.86 -32.82
C PRO A 210 11.38 -10.22 -31.45
N ALA A 211 12.39 -9.41 -31.15
CA ALA A 211 12.38 -8.63 -29.92
C ALA A 211 11.38 -7.49 -30.04
N ILE A 212 10.71 -7.18 -28.93
CA ILE A 212 9.71 -6.13 -28.87
C ILE A 212 10.21 -4.91 -28.12
N GLY A 213 10.79 -5.12 -26.93
CA GLY A 213 11.25 -4.01 -26.11
C GLY A 213 12.54 -4.35 -25.40
N LYS A 214 13.12 -3.32 -24.79
CA LYS A 214 14.39 -3.41 -24.09
C LYS A 214 14.21 -3.11 -22.62
N THR A 215 15.10 -3.64 -21.80
CA THR A 215 15.07 -3.37 -20.37
C THR A 215 15.73 -2.02 -20.08
N GLU A 216 15.40 -1.45 -18.92
CA GLU A 216 15.71 -0.06 -18.64
C GLU A 216 17.21 0.16 -18.46
N LYS A 217 17.81 -0.54 -17.48
CA LYS A 217 19.15 -0.19 -17.04
C LYS A 217 20.25 -0.78 -17.91
N THR A 218 20.06 -1.99 -18.45
CA THR A 218 21.11 -2.68 -19.19
C THR A 218 20.76 -2.90 -20.64
N GLY A 219 19.56 -2.55 -21.09
CA GLY A 219 19.21 -2.65 -22.49
C GLY A 219 19.18 -4.06 -23.03
N LYS A 220 18.80 -5.04 -22.21
CA LYS A 220 18.60 -6.39 -22.71
C LYS A 220 17.24 -6.49 -23.39
N ARG A 221 17.09 -7.50 -24.23
CA ARG A 221 15.80 -7.76 -24.87
C ARG A 221 14.82 -8.26 -23.82
N SER A 222 13.75 -7.50 -23.59
CA SER A 222 12.83 -7.79 -22.50
C SER A 222 12.07 -9.09 -22.74
N THR A 223 11.79 -9.80 -21.64
CA THR A 223 10.92 -10.98 -21.66
C THR A 223 9.67 -10.74 -20.81
N SER A 224 9.31 -9.49 -20.59
CA SER A 224 8.18 -9.15 -19.73
C SER A 224 6.89 -9.76 -20.26
N ALA A 225 5.90 -9.83 -19.37
CA ALA A 225 4.59 -10.34 -19.75
C ALA A 225 4.02 -9.57 -20.95
N ALA A 226 4.18 -8.25 -20.95
CA ALA A 226 3.68 -7.45 -22.07
C ALA A 226 4.32 -7.89 -23.38
N VAL A 227 5.62 -8.19 -23.35
CA VAL A 227 6.30 -8.66 -24.56
C VAL A 227 5.83 -10.06 -24.93
N LEU A 228 5.67 -10.94 -23.94
CA LEU A 228 5.23 -12.30 -24.21
C LEU A 228 3.82 -12.30 -24.79
N GLU A 229 2.94 -11.45 -24.27
CA GLU A 229 1.60 -11.33 -24.84
C GLU A 229 1.66 -10.96 -26.30
N ALA A 230 2.59 -10.07 -26.67
CA ALA A 230 2.76 -9.69 -28.07
C ALA A 230 3.23 -10.85 -28.92
N LEU A 231 3.98 -11.78 -28.33
CA LEU A 231 4.50 -12.94 -29.03
C LEU A 231 3.66 -14.19 -28.79
N ARG A 232 2.46 -14.04 -28.23
CA ARG A 232 1.65 -15.21 -27.87
C ARG A 232 1.38 -16.10 -29.08
N GLU A 233 1.20 -15.51 -30.26
CA GLU A 233 0.85 -16.25 -31.46
C GLU A 233 2.06 -16.59 -32.32
N ALA A 234 3.27 -16.22 -31.91
CA ALA A 234 4.46 -16.48 -32.69
C ALA A 234 5.09 -17.84 -32.43
N HIS A 235 4.79 -18.45 -31.27
CA HIS A 235 5.40 -19.74 -30.93
C HIS A 235 4.64 -20.34 -29.74
N PRO A 236 4.39 -21.65 -29.71
CA PRO A 236 3.63 -22.22 -28.58
C PRO A 236 4.40 -22.22 -27.27
N ILE A 237 5.72 -21.99 -27.28
CA ILE A 237 6.46 -21.91 -26.03
C ILE A 237 6.02 -20.70 -25.22
N VAL A 238 5.60 -19.63 -25.90
CA VAL A 238 5.32 -18.37 -25.21
C VAL A 238 4.19 -18.55 -24.20
N GLU A 239 3.08 -19.12 -24.63
CA GLU A 239 1.93 -19.28 -23.74
C GLU A 239 2.31 -20.11 -22.52
N LYS A 240 3.11 -21.15 -22.70
CA LYS A 240 3.54 -21.97 -21.58
C LYS A 240 4.40 -21.16 -20.60
N ILE A 241 5.29 -20.33 -21.13
CA ILE A 241 6.12 -19.49 -20.27
C ILE A 241 5.25 -18.58 -19.40
N LEU A 242 4.22 -17.98 -20.01
CA LEU A 242 3.32 -17.11 -19.24
C LEU A 242 2.63 -17.88 -18.13
N GLN A 243 2.21 -19.12 -18.41
CA GLN A 243 1.58 -19.94 -17.38
C GLN A 243 2.58 -20.33 -16.30
N TYR A 244 3.79 -20.73 -16.70
CA TYR A 244 4.84 -21.01 -15.73
C TYR A 244 5.09 -19.80 -14.83
N ARG A 245 5.13 -18.60 -15.42
CA ARG A 245 5.37 -17.40 -14.63
C ARG A 245 4.28 -17.20 -13.59
N GLU A 246 3.01 -17.34 -14.00
CA GLU A 246 1.91 -17.14 -13.06
C GLU A 246 2.03 -18.08 -11.86
N LEU A 247 2.24 -19.36 -12.12
CA LEU A 247 2.26 -20.33 -11.03
C LEU A 247 3.50 -20.15 -10.14
N THR A 248 4.67 -19.95 -10.72
CA THR A 248 5.87 -19.81 -9.90
C THR A 248 5.84 -18.51 -9.10
N LYS A 249 5.30 -17.45 -9.69
CA LYS A 249 5.15 -16.20 -8.96
C LYS A 249 4.30 -16.40 -7.70
N LEU A 250 3.15 -17.05 -7.86
CA LEU A 250 2.24 -17.23 -6.72
C LEU A 250 2.79 -18.24 -5.73
N LYS A 251 3.49 -19.28 -6.21
CA LYS A 251 4.03 -20.29 -5.29
C LYS A 251 5.18 -19.74 -4.48
N SER A 252 6.10 -19.01 -5.13
CA SER A 252 7.30 -18.54 -4.45
C SER A 252 7.00 -17.36 -3.53
N THR A 253 5.98 -16.58 -3.83
CA THR A 253 5.72 -15.34 -3.11
C THR A 253 4.64 -15.46 -2.05
N TYR A 254 3.70 -16.41 -2.18
CA TYR A 254 2.61 -16.52 -1.23
C TYR A 254 2.46 -17.93 -0.67
N ILE A 255 2.29 -18.93 -1.54
CA ILE A 255 1.87 -20.26 -1.08
C ILE A 255 2.91 -20.85 -0.14
N ASP A 256 4.18 -20.79 -0.54
CA ASP A 256 5.23 -21.45 0.25
C ASP A 256 5.66 -20.60 1.45
N PRO A 257 5.94 -19.30 1.29
CA PRO A 257 6.51 -18.55 2.41
C PRO A 257 5.53 -18.19 3.52
N LEU A 258 4.27 -17.89 3.19
CA LEU A 258 3.34 -17.42 4.22
C LEU A 258 3.10 -18.46 5.32
N PRO A 259 2.91 -19.74 5.02
CA PRO A 259 2.75 -20.72 6.12
C PRO A 259 3.90 -20.69 7.12
N ASP A 260 5.11 -20.35 6.69
CA ASP A 260 6.26 -20.34 7.58
C ASP A 260 6.34 -19.07 8.43
N LEU A 261 5.46 -18.10 8.22
CA LEU A 261 5.50 -16.83 8.94
C LEU A 261 4.44 -16.76 10.03
N ILE A 262 3.76 -17.86 10.33
CA ILE A 262 2.77 -17.86 11.41
C ILE A 262 3.51 -17.72 12.73
N HIS A 263 3.02 -16.82 13.57
CA HIS A 263 3.68 -16.56 14.84
C HIS A 263 3.37 -17.69 15.84
N PRO A 264 4.36 -18.15 16.60
CA PRO A 264 4.12 -19.31 17.47
C PRO A 264 3.15 -19.02 18.62
N ARG A 265 3.16 -17.81 19.17
CA ARG A 265 2.29 -17.49 20.30
C ARG A 265 0.87 -17.17 19.85
N THR A 266 0.72 -16.36 18.81
CA THR A 266 -0.59 -15.92 18.35
C THR A 266 -1.24 -16.90 17.39
N GLY A 267 -0.44 -17.69 16.67
CA GLY A 267 -0.97 -18.55 15.62
C GLY A 267 -1.57 -17.79 14.46
N ARG A 268 -1.12 -16.55 14.23
CA ARG A 268 -1.65 -15.73 13.15
C ARG A 268 -0.51 -15.08 12.39
N LEU A 269 -0.86 -14.39 11.30
CA LEU A 269 0.09 -13.76 10.40
C LEU A 269 0.12 -12.26 10.67
N HIS A 270 1.31 -11.71 10.88
CA HIS A 270 1.46 -10.32 11.30
C HIS A 270 2.29 -9.56 10.29
N THR A 271 1.69 -8.51 9.72
CA THR A 271 2.38 -7.60 8.82
C THR A 271 2.79 -6.35 9.57
N ARG A 272 3.59 -5.52 8.91
CA ARG A 272 3.95 -4.20 9.39
C ARG A 272 3.29 -3.16 8.48
N PHE A 273 2.60 -2.20 9.09
CA PHE A 273 1.99 -1.10 8.34
C PHE A 273 2.88 0.12 8.48
N ASN A 274 3.67 0.39 7.44
CA ASN A 274 4.66 1.46 7.48
C ASN A 274 4.00 2.79 7.17
N GLN A 275 4.21 3.76 8.06
CA GLN A 275 3.48 5.03 8.01
C GLN A 275 4.25 6.14 7.31
N THR A 276 5.55 5.99 7.12
CA THR A 276 6.39 7.02 6.48
C THR A 276 7.19 6.38 5.35
N ALA A 277 6.48 5.79 4.38
CA ALA A 277 7.12 4.99 3.34
C ALA A 277 6.79 5.41 1.93
N THR A 278 5.74 6.20 1.69
CA THR A 278 5.32 6.53 0.34
C THR A 278 5.31 8.04 0.12
N ALA A 279 5.46 8.42 -1.16
CA ALA A 279 5.52 9.83 -1.55
C ALA A 279 4.15 10.50 -1.52
N THR A 280 3.06 9.74 -1.43
CA THR A 280 1.71 10.27 -1.58
C THR A 280 0.93 10.36 -0.28
N GLY A 281 1.38 9.69 0.79
CA GLY A 281 0.62 9.58 2.01
C GLY A 281 -0.03 8.24 2.22
N ARG A 282 0.03 7.35 1.23
CA ARG A 282 -0.42 5.98 1.42
C ARG A 282 0.42 5.29 2.49
N LEU A 283 -0.18 4.31 3.14
CA LEU A 283 0.59 3.33 3.89
C LEU A 283 1.26 2.36 2.93
N SER A 284 2.23 1.61 3.46
CA SER A 284 2.69 0.40 2.82
C SER A 284 2.65 -0.72 3.84
N SER A 285 2.77 -1.96 3.35
CA SER A 285 2.73 -3.15 4.17
C SER A 285 3.93 -4.01 3.83
N SER A 286 4.58 -4.58 4.85
CA SER A 286 5.76 -5.38 4.59
C SER A 286 5.94 -6.44 5.67
N ASP A 287 6.73 -7.46 5.31
CA ASP A 287 7.30 -8.42 6.25
C ASP A 287 6.23 -9.28 6.94
N PRO A 288 5.28 -9.87 6.20
CA PRO A 288 5.12 -9.81 4.75
C PRO A 288 4.17 -8.72 4.30
N ASN A 289 4.22 -8.37 3.02
CA ASN A 289 3.25 -7.45 2.44
C ASN A 289 1.90 -8.15 2.31
N LEU A 290 0.90 -7.65 3.03
CA LEU A 290 -0.46 -8.17 2.93
C LEU A 290 -1.37 -7.24 2.15
N GLN A 291 -0.80 -6.26 1.45
CA GLN A 291 -1.56 -5.37 0.58
C GLN A 291 -1.48 -5.77 -0.89
N ASN A 292 -0.85 -6.91 -1.20
CA ASN A 292 -0.80 -7.41 -2.57
C ASN A 292 -1.12 -8.89 -2.63
N ILE A 293 -2.04 -9.34 -1.78
CA ILE A 293 -2.48 -10.74 -1.84
C ILE A 293 -3.24 -10.97 -3.15
N PRO A 294 -3.02 -12.08 -3.85
CA PRO A 294 -3.66 -12.26 -5.17
C PRO A 294 -5.18 -12.23 -5.09
N VAL A 295 -5.81 -11.88 -6.22
CA VAL A 295 -7.26 -11.86 -6.30
C VAL A 295 -7.75 -12.03 -7.74
N ARG A 296 -6.85 -11.82 -8.72
CA ARG A 296 -7.30 -11.70 -10.11
C ARG A 296 -7.53 -13.06 -10.76
N THR A 297 -6.58 -13.97 -10.66
CA THR A 297 -6.64 -15.23 -11.39
C THR A 297 -7.29 -16.31 -10.54
N PRO A 298 -7.68 -17.43 -11.15
CA PRO A 298 -8.26 -18.52 -10.35
C PRO A 298 -7.35 -18.99 -9.23
N LEU A 299 -6.06 -19.24 -9.52
CA LEU A 299 -5.14 -19.65 -8.48
C LEU A 299 -4.99 -18.56 -7.43
N GLY A 300 -4.92 -17.30 -7.86
CA GLY A 300 -4.83 -16.22 -6.90
C GLY A 300 -6.01 -16.16 -5.96
N GLN A 301 -7.21 -16.40 -6.49
CA GLN A 301 -8.40 -16.42 -5.65
C GLN A 301 -8.34 -17.56 -4.64
N ARG A 302 -7.79 -18.70 -5.04
N ARG A 302 -7.80 -18.71 -5.06
CA ARG A 302 -7.62 -19.81 -4.11
CA ARG A 302 -7.61 -19.81 -4.12
C ARG A 302 -6.66 -19.43 -2.98
C ARG A 302 -6.69 -19.40 -2.97
N ILE A 303 -5.64 -18.63 -3.29
CA ILE A 303 -4.72 -18.17 -2.25
C ILE A 303 -5.44 -17.20 -1.31
N ARG A 304 -6.22 -16.27 -1.86
CA ARG A 304 -6.94 -15.32 -1.02
C ARG A 304 -7.92 -16.01 -0.09
N ARG A 305 -8.41 -17.18 -0.49
CA ARG A 305 -9.31 -17.95 0.36
C ARG A 305 -8.64 -18.43 1.64
N ALA A 306 -7.31 -18.50 1.66
CA ALA A 306 -6.60 -18.97 2.84
C ALA A 306 -6.66 -17.98 4.00
N PHE A 307 -7.07 -16.74 3.75
CA PHE A 307 -7.18 -15.73 4.80
C PHE A 307 -8.58 -15.83 5.40
N ILE A 308 -8.66 -16.31 6.64
CA ILE A 308 -9.91 -16.74 7.24
C ILE A 308 -10.10 -16.06 8.59
N ALA A 309 -11.34 -16.09 9.06
CA ALA A 309 -11.68 -15.55 10.36
C ALA A 309 -11.48 -16.62 11.43
N GLU A 310 -11.21 -16.15 12.65
CA GLU A 310 -11.27 -17.04 13.81
C GLU A 310 -12.62 -17.75 13.82
N GLU A 311 -12.62 -19.02 14.22
CA GLU A 311 -13.87 -19.76 14.27
C GLU A 311 -14.83 -19.09 15.25
N GLY A 312 -16.10 -19.02 14.85
CA GLY A 312 -17.08 -18.23 15.57
C GLY A 312 -17.11 -16.77 15.18
N TRP A 313 -16.21 -16.34 14.31
CA TRP A 313 -16.15 -14.97 13.81
C TRP A 313 -16.34 -14.97 12.30
N LEU A 314 -16.46 -13.75 11.75
CA LEU A 314 -16.54 -13.56 10.31
C LEU A 314 -15.67 -12.38 9.92
N LEU A 315 -15.21 -12.39 8.67
CA LEU A 315 -14.52 -11.23 8.12
C LEU A 315 -15.52 -10.28 7.51
N VAL A 316 -15.23 -8.98 7.63
CA VAL A 316 -16.02 -7.93 7.00
C VAL A 316 -15.05 -7.09 6.16
N ALA A 317 -15.27 -7.07 4.85
CA ALA A 317 -14.44 -6.34 3.92
C ALA A 317 -15.21 -5.15 3.36
N LEU A 318 -14.66 -3.96 3.52
CA LEU A 318 -15.26 -2.73 3.02
C LEU A 318 -14.29 -2.06 2.06
N ASP A 319 -14.82 -1.52 0.96
CA ASP A 319 -13.97 -0.98 -0.10
C ASP A 319 -14.68 0.20 -0.75
N TYR A 320 -14.01 1.36 -0.76
CA TYR A 320 -14.59 2.55 -1.38
C TYR A 320 -14.79 2.32 -2.88
N SER A 321 -15.95 2.74 -3.37
CA SER A 321 -16.28 2.63 -4.79
C SER A 321 -15.57 3.72 -5.60
N GLN A 322 -14.86 3.31 -6.65
CA GLN A 322 -14.30 4.24 -7.64
C GLN A 322 -13.65 5.44 -6.97
N ILE A 323 -12.79 5.18 -5.98
CA ILE A 323 -12.49 6.20 -4.99
C ILE A 323 -11.74 7.37 -5.63
N GLU A 324 -10.68 7.10 -6.40
CA GLU A 324 -9.89 8.21 -6.92
C GLU A 324 -10.65 9.00 -7.98
N LEU A 325 -11.62 8.38 -8.66
CA LEU A 325 -12.48 9.15 -9.55
C LEU A 325 -13.41 10.07 -8.77
N ARG A 326 -13.97 9.58 -7.66
CA ARG A 326 -14.79 10.45 -6.82
C ARG A 326 -13.96 11.60 -6.27
N VAL A 327 -12.75 11.31 -5.78
CA VAL A 327 -11.86 12.35 -5.31
C VAL A 327 -11.57 13.35 -6.41
N LEU A 328 -11.33 12.85 -7.63
CA LEU A 328 -11.05 13.75 -8.75
C LEU A 328 -12.23 14.69 -9.01
N ALA A 329 -13.45 14.18 -8.91
CA ALA A 329 -14.62 15.02 -9.08
C ALA A 329 -14.61 16.19 -8.10
N HIS A 330 -14.27 15.92 -6.84
CA HIS A 330 -14.27 16.97 -5.82
C HIS A 330 -13.14 17.96 -6.06
N LEU A 331 -11.92 17.47 -6.31
CA LEU A 331 -10.80 18.36 -6.48
C LEU A 331 -10.93 19.22 -7.72
N SER A 332 -11.37 18.63 -8.84
CA SER A 332 -11.47 19.36 -10.09
C SER A 332 -12.77 20.15 -10.21
N GLY A 333 -13.83 19.74 -9.51
CA GLY A 333 -15.11 20.38 -9.66
C GLY A 333 -15.76 20.19 -11.01
N ASP A 334 -15.36 19.15 -11.75
CA ASP A 334 -15.96 18.91 -13.06
C ASP A 334 -17.42 18.55 -12.90
N GLU A 335 -18.30 19.37 -13.49
CA GLU A 335 -19.74 19.15 -13.32
C GLU A 335 -20.17 17.82 -13.93
N ASN A 336 -19.62 17.47 -15.10
CA ASN A 336 -19.98 16.22 -15.75
C ASN A 336 -19.59 15.02 -14.88
N LEU A 337 -18.40 15.06 -14.27
CA LEU A 337 -17.97 13.94 -13.45
C LEU A 337 -18.76 13.86 -12.15
N ILE A 338 -19.10 15.01 -11.56
CA ILE A 338 -19.92 15.02 -10.36
C ILE A 338 -21.28 14.38 -10.64
N ARG A 339 -21.92 14.78 -11.74
CA ARG A 339 -23.23 14.23 -12.08
C ARG A 339 -23.16 12.71 -12.25
N VAL A 340 -22.05 12.20 -12.76
CA VAL A 340 -21.87 10.76 -12.91
C VAL A 340 -22.19 10.06 -11.59
N PHE A 341 -21.55 10.52 -10.51
CA PHE A 341 -21.70 9.85 -9.22
C PHE A 341 -23.00 10.23 -8.53
N GLN A 342 -23.50 11.45 -8.76
CA GLN A 342 -24.82 11.82 -8.25
C GLN A 342 -25.93 11.02 -8.92
N GLU A 343 -25.66 10.46 -10.10
CA GLU A 343 -26.61 9.58 -10.77
C GLU A 343 -26.38 8.11 -10.45
N GLY A 344 -25.40 7.80 -9.60
CA GLY A 344 -25.14 6.42 -9.22
C GLY A 344 -24.51 5.57 -10.31
N ARG A 345 -23.78 6.20 -11.24
CA ARG A 345 -23.18 5.46 -12.34
C ARG A 345 -21.85 4.83 -11.92
N ASP A 346 -21.34 3.94 -12.77
CA ASP A 346 -20.11 3.19 -12.52
C ASP A 346 -19.23 3.31 -13.76
N ILE A 347 -18.19 4.15 -13.68
CA ILE A 347 -17.35 4.40 -14.84
C ILE A 347 -16.57 3.15 -15.22
N HIS A 348 -16.21 2.32 -14.25
CA HIS A 348 -15.48 1.09 -14.56
C HIS A 348 -16.36 0.14 -15.38
N THR A 349 -17.60 -0.07 -14.94
CA THR A 349 -18.50 -0.96 -15.67
C THR A 349 -18.80 -0.41 -17.06
N GLU A 350 -18.89 0.91 -17.19
CA GLU A 350 -19.21 1.50 -18.49
C GLU A 350 -18.03 1.39 -19.45
N THR A 351 -16.82 1.69 -18.98
CA THR A 351 -15.64 1.47 -19.80
C THR A 351 -15.51 -0.01 -20.18
N ALA A 352 -15.84 -0.90 -19.24
CA ALA A 352 -15.81 -2.33 -19.55
C ALA A 352 -16.80 -2.68 -20.65
N SER A 353 -18.02 -2.16 -20.55
CA SER A 353 -19.03 -2.43 -21.57
C SER A 353 -18.51 -2.07 -22.95
N TRP A 354 -17.83 -0.92 -23.07
CA TRP A 354 -17.26 -0.52 -24.35
C TRP A 354 -16.12 -1.44 -24.75
N MET A 355 -15.26 -1.81 -23.81
CA MET A 355 -14.08 -2.60 -24.12
C MET A 355 -14.46 -3.95 -24.73
N PHE A 356 -15.36 -4.68 -24.09
CA PHE A 356 -15.73 -6.02 -24.51
C PHE A 356 -17.00 -6.06 -25.35
N GLY A 357 -17.57 -4.90 -25.68
CA GLY A 357 -18.74 -4.83 -26.53
C GLY A 357 -19.88 -5.68 -26.00
N VAL A 358 -20.21 -5.52 -24.73
CA VAL A 358 -21.32 -6.26 -24.11
C VAL A 358 -22.09 -5.31 -23.19
N PRO A 359 -23.35 -5.63 -22.91
CA PRO A 359 -24.13 -4.77 -22.02
C PRO A 359 -23.57 -4.74 -20.61
N ARG A 360 -23.94 -3.70 -19.87
CA ARG A 360 -23.43 -3.53 -18.52
C ARG A 360 -23.75 -4.73 -17.64
N GLU A 361 -24.97 -5.27 -17.77
CA GLU A 361 -25.34 -6.45 -17.00
C GLU A 361 -24.45 -7.64 -17.33
N ALA A 362 -23.80 -7.64 -18.49
CA ALA A 362 -22.94 -8.73 -18.91
C ALA A 362 -21.48 -8.54 -18.50
N VAL A 363 -21.14 -7.39 -17.91
CA VAL A 363 -19.76 -7.14 -17.49
C VAL A 363 -19.48 -7.95 -16.23
N ASP A 364 -18.50 -8.83 -16.31
CA ASP A 364 -18.08 -9.63 -15.17
C ASP A 364 -16.97 -8.94 -14.41
N PRO A 365 -16.63 -9.43 -13.21
CA PRO A 365 -15.55 -8.77 -12.44
C PRO A 365 -14.22 -8.71 -13.18
N LEU A 366 -13.87 -9.77 -13.91
CA LEU A 366 -12.63 -9.75 -14.68
C LEU A 366 -12.63 -8.59 -15.67
N MET A 367 -13.74 -8.43 -16.41
CA MET A 367 -13.85 -7.33 -17.35
C MET A 367 -13.76 -5.98 -16.63
N ARG A 368 -14.48 -5.84 -15.51
CA ARG A 368 -14.51 -4.56 -14.81
C ARG A 368 -13.13 -4.20 -14.26
N ARG A 369 -12.40 -5.20 -13.77
CA ARG A 369 -11.04 -4.96 -13.30
C ARG A 369 -10.15 -4.44 -14.41
N ALA A 370 -10.24 -5.04 -15.60
CA ALA A 370 -9.45 -4.58 -16.74
C ALA A 370 -9.82 -3.14 -17.10
N ALA A 371 -11.10 -2.78 -16.97
CA ALA A 371 -11.53 -1.43 -17.28
C ALA A 371 -11.03 -0.43 -16.23
N LYS A 372 -10.95 -0.84 -14.97
CA LYS A 372 -10.35 0.00 -13.95
C LYS A 372 -8.93 0.41 -14.35
N THR A 373 -8.13 -0.55 -14.81
CA THR A 373 -6.77 -0.26 -15.23
C THR A 373 -6.76 0.75 -16.37
N ILE A 374 -7.67 0.60 -17.33
CA ILE A 374 -7.74 1.53 -18.46
C ILE A 374 -8.13 2.92 -17.98
N ASN A 375 -9.13 3.01 -17.10
CA ASN A 375 -9.65 4.32 -16.70
C ASN A 375 -8.59 5.14 -15.97
N PHE A 376 -7.84 4.52 -15.06
CA PHE A 376 -6.81 5.25 -14.35
C PHE A 376 -5.53 5.39 -15.18
N GLY A 377 -5.22 4.40 -16.02
CA GLY A 377 -4.10 4.56 -16.93
C GLY A 377 -4.24 5.79 -17.81
N VAL A 378 -5.43 5.94 -18.42
CA VAL A 378 -5.67 7.10 -19.28
C VAL A 378 -5.64 8.39 -18.46
N LEU A 379 -6.26 8.37 -17.27
CA LEU A 379 -6.31 9.58 -16.46
C LEU A 379 -4.91 10.10 -16.15
N TYR A 380 -3.98 9.21 -15.80
CA TYR A 380 -2.66 9.61 -15.36
C TYR A 380 -1.62 9.53 -16.47
N GLY A 381 -2.05 9.53 -17.72
CA GLY A 381 -1.18 9.84 -18.84
C GLY A 381 -0.79 8.70 -19.78
N MET A 382 -1.50 7.57 -19.76
CA MET A 382 -1.15 6.48 -20.66
C MET A 382 -1.17 6.94 -22.11
N SER A 383 -0.21 6.47 -22.89
CA SER A 383 -0.10 6.85 -24.29
C SER A 383 -1.09 6.06 -25.14
N ALA A 384 -1.49 6.66 -26.26
CA ALA A 384 -2.33 5.94 -27.22
C ALA A 384 -1.65 4.68 -27.71
N HIS A 385 -0.33 4.75 -27.95
CA HIS A 385 0.40 3.57 -28.39
C HIS A 385 0.22 2.41 -27.41
N ARG A 386 0.46 2.66 -26.12
CA ARG A 386 0.32 1.59 -25.13
C ARG A 386 -1.13 1.13 -25.03
N LEU A 387 -2.08 2.06 -25.04
CA LEU A 387 -3.48 1.68 -24.95
C LEU A 387 -3.88 0.81 -26.13
N SER A 388 -3.38 1.13 -27.33
N SER A 388 -3.40 1.15 -27.34
CA SER A 388 -3.70 0.31 -28.50
CA SER A 388 -3.69 0.33 -28.50
C SER A 388 -3.20 -1.11 -28.34
C SER A 388 -3.21 -1.11 -28.31
N GLN A 389 -2.03 -1.29 -27.70
CA GLN A 389 -1.50 -2.63 -27.49
C GLN A 389 -2.18 -3.33 -26.33
N GLU A 390 -2.58 -2.59 -25.29
CA GLU A 390 -3.25 -3.22 -24.15
C GLU A 390 -4.58 -3.83 -24.56
N LEU A 391 -5.33 -3.14 -25.42
CA LEU A 391 -6.64 -3.58 -25.84
C LEU A 391 -6.64 -4.32 -27.18
N ALA A 392 -5.49 -4.40 -27.85
CA ALA A 392 -5.40 -5.04 -29.15
C ALA A 392 -6.37 -4.39 -30.15
N ILE A 393 -6.32 -3.07 -30.19
CA ILE A 393 -7.14 -2.29 -31.14
C ILE A 393 -6.22 -1.39 -31.94
N PRO A 394 -6.69 -0.86 -33.06
CA PRO A 394 -5.85 0.04 -33.86
C PRO A 394 -5.46 1.28 -33.05
N TYR A 395 -4.30 1.84 -33.39
CA TYR A 395 -3.83 3.05 -32.72
C TYR A 395 -4.88 4.15 -32.76
N GLU A 396 -5.55 4.30 -33.90
CA GLU A 396 -6.51 5.38 -34.06
C GLU A 396 -7.70 5.23 -33.11
N GLU A 397 -8.08 3.99 -32.78
CA GLU A 397 -9.21 3.77 -31.88
C GLU A 397 -8.82 4.07 -30.43
N ALA A 398 -7.59 3.71 -30.04
CA ALA A 398 -7.12 4.08 -28.71
C ALA A 398 -6.97 5.59 -28.57
N GLN A 399 -6.50 6.26 -29.62
CA GLN A 399 -6.40 7.71 -29.61
C GLN A 399 -7.78 8.35 -29.41
N ALA A 400 -8.80 7.80 -30.08
CA ALA A 400 -10.14 8.36 -29.96
C ALA A 400 -10.71 8.18 -28.56
N PHE A 401 -10.43 7.03 -27.93
CA PHE A 401 -10.93 6.80 -26.58
C PHE A 401 -10.34 7.82 -25.61
N ILE A 402 -9.03 8.05 -25.66
CA ILE A 402 -8.39 9.03 -24.79
C ILE A 402 -8.97 10.41 -25.04
N GLU A 403 -9.29 10.71 -26.30
CA GLU A 403 -9.86 12.02 -26.63
C GLU A 403 -11.22 12.22 -25.98
N ARG A 404 -12.13 11.27 -26.19
CA ARG A 404 -13.47 11.39 -25.60
C ARG A 404 -13.40 11.34 -24.07
N TYR A 405 -12.47 10.57 -23.51
CA TYR A 405 -12.33 10.46 -22.06
C TYR A 405 -12.23 11.84 -21.43
N PHE A 406 -11.28 12.66 -21.89
CA PHE A 406 -11.10 13.99 -21.31
C PHE A 406 -12.12 14.99 -21.83
N GLN A 407 -12.57 14.85 -23.09
CA GLN A 407 -13.65 15.68 -23.57
C GLN A 407 -14.90 15.53 -22.72
N SER A 408 -15.13 14.33 -22.16
CA SER A 408 -16.30 14.11 -21.32
C SER A 408 -16.23 14.91 -20.02
N PHE A 409 -15.04 15.13 -19.49
CA PHE A 409 -14.85 15.79 -18.20
C PHE A 409 -13.86 16.94 -18.38
N PRO A 410 -14.30 18.05 -19.00
CA PRO A 410 -13.33 19.08 -19.42
C PRO A 410 -12.57 19.73 -18.29
N LYS A 411 -13.15 19.86 -17.09
CA LYS A 411 -12.46 20.53 -16.00
C LYS A 411 -11.32 19.70 -15.43
N VAL A 412 -11.18 18.43 -15.83
CA VAL A 412 -10.08 17.61 -15.33
C VAL A 412 -8.75 18.11 -15.88
N ARG A 413 -8.69 18.39 -17.18
CA ARG A 413 -7.47 18.96 -17.76
C ARG A 413 -7.15 20.30 -17.12
N ALA A 414 -8.16 21.14 -16.92
CA ALA A 414 -7.94 22.42 -16.26
C ALA A 414 -7.30 22.22 -14.89
N TRP A 415 -7.85 21.29 -14.10
CA TRP A 415 -7.30 21.04 -12.77
C TRP A 415 -5.86 20.54 -12.85
N ILE A 416 -5.58 19.66 -13.81
CA ILE A 416 -4.21 19.16 -13.97
C ILE A 416 -3.26 20.30 -14.25
N GLU A 417 -3.62 21.17 -15.21
CA GLU A 417 -2.76 22.29 -15.57
C GLU A 417 -2.54 23.22 -14.38
N LYS A 418 -3.60 23.50 -13.62
CA LYS A 418 -3.46 24.39 -12.46
C LYS A 418 -2.59 23.74 -11.39
N THR A 419 -2.79 22.44 -11.14
CA THR A 419 -1.97 21.74 -10.15
C THR A 419 -0.49 21.80 -10.53
N LEU A 420 -0.18 21.60 -11.81
CA LEU A 420 1.23 21.61 -12.23
C LEU A 420 1.81 23.01 -12.16
N GLU A 421 1.03 24.02 -12.53
CA GLU A 421 1.52 25.40 -12.43
C GLU A 421 1.82 25.75 -10.98
N GLU A 422 0.92 25.39 -10.07
CA GLU A 422 1.17 25.66 -8.65
C GLU A 422 2.37 24.88 -8.15
N GLY A 423 2.53 23.63 -8.60
CA GLY A 423 3.69 22.84 -8.22
C GLY A 423 4.99 23.45 -8.67
N ARG A 424 4.99 24.14 -9.81
CA ARG A 424 6.20 24.81 -10.28
C ARG A 424 6.51 26.04 -9.42
N ARG A 425 5.48 26.83 -9.08
CA ARG A 425 5.71 28.02 -8.26
C ARG A 425 6.15 27.66 -6.85
N ARG A 426 5.38 26.80 -6.18
CA ARG A 426 5.65 26.47 -4.79
C ARG A 426 6.77 25.43 -4.64
N GLY A 427 6.94 24.57 -5.64
CA GLY A 427 7.85 23.45 -5.52
C GLY A 427 7.24 22.17 -5.02
N TYR A 428 5.95 22.18 -4.65
CA TYR A 428 5.28 21.00 -4.16
C TYR A 428 3.82 21.02 -4.59
N VAL A 429 3.21 19.84 -4.61
CA VAL A 429 1.78 19.69 -4.76
C VAL A 429 1.22 19.21 -3.42
N GLU A 430 -0.10 19.28 -3.26
CA GLU A 430 -0.68 18.98 -1.96
C GLU A 430 -2.05 18.33 -2.12
N THR A 431 -2.44 17.56 -1.10
CA THR A 431 -3.74 16.92 -1.05
C THR A 431 -4.81 17.92 -0.59
N LEU A 432 -6.05 17.44 -0.51
CA LEU A 432 -7.14 18.28 -0.03
C LEU A 432 -6.90 18.77 1.38
N PHE A 433 -6.17 18.00 2.19
CA PHE A 433 -5.93 18.33 3.59
C PHE A 433 -4.57 18.99 3.81
N GLY A 434 -3.80 19.24 2.76
CA GLY A 434 -2.54 19.93 2.87
C GLY A 434 -1.31 19.06 2.95
N ARG A 435 -1.45 17.74 2.86
CA ARG A 435 -0.28 16.88 2.75
C ARG A 435 0.45 17.22 1.45
N ARG A 436 1.76 17.43 1.53
CA ARG A 436 2.51 17.93 0.40
C ARG A 436 3.57 16.94 -0.06
N ARG A 437 3.91 17.02 -1.34
CA ARG A 437 4.98 16.26 -1.96
C ARG A 437 5.80 17.22 -2.81
N TYR A 438 7.10 17.27 -2.58
CA TYR A 438 7.96 18.15 -3.35
C TYR A 438 8.35 17.48 -4.67
N VAL A 439 8.19 18.22 -5.76
CA VAL A 439 8.48 17.69 -7.10
C VAL A 439 9.35 18.71 -7.83
N PRO A 440 10.64 18.79 -7.50
CA PRO A 440 11.50 19.78 -8.16
C PRO A 440 11.66 19.56 -9.66
N ASP A 441 11.51 18.31 -10.13
CA ASP A 441 11.72 18.05 -11.55
C ASP A 441 10.61 18.59 -12.43
N LEU A 442 9.58 19.23 -11.86
CA LEU A 442 8.63 19.97 -12.68
C LEU A 442 9.30 21.08 -13.46
N GLU A 443 10.48 21.52 -13.04
N GLU A 443 10.48 21.54 -13.04
CA GLU A 443 11.24 22.57 -13.72
CA GLU A 443 11.21 22.57 -13.74
C GLU A 443 12.39 22.02 -14.54
C GLU A 443 12.42 22.02 -14.48
N ALA A 444 12.51 20.70 -14.64
CA ALA A 444 13.61 20.11 -15.39
C ALA A 444 13.60 20.58 -16.83
N ARG A 445 14.80 20.76 -17.38
CA ARG A 445 14.97 21.21 -18.76
C ARG A 445 15.05 20.06 -19.76
N VAL A 446 14.93 18.82 -19.29
CA VAL A 446 14.84 17.65 -20.15
C VAL A 446 13.38 17.22 -20.16
N LYS A 447 12.77 17.17 -21.34
CA LYS A 447 11.32 16.99 -21.43
C LYS A 447 10.90 15.65 -20.82
N SER A 448 11.60 14.58 -21.15
CA SER A 448 11.23 13.26 -20.63
C SER A 448 11.20 13.26 -19.11
N VAL A 449 12.18 13.92 -18.48
CA VAL A 449 12.23 13.99 -17.02
C VAL A 449 11.10 14.85 -16.50
N ARG A 450 10.93 16.04 -17.08
CA ARG A 450 9.89 16.96 -16.64
C ARG A 450 8.51 16.33 -16.73
N GLU A 451 8.22 15.66 -17.85
CA GLU A 451 6.89 15.09 -18.03
C GLU A 451 6.66 13.88 -17.14
N ALA A 452 7.70 13.11 -16.84
CA ALA A 452 7.57 12.07 -15.81
C ALA A 452 7.24 12.68 -14.46
N ALA A 453 7.90 13.79 -14.11
CA ALA A 453 7.59 14.47 -12.86
C ALA A 453 6.17 15.02 -12.86
N GLU A 454 5.68 15.45 -14.03
CA GLU A 454 4.33 15.98 -14.10
C GLU A 454 3.30 14.90 -13.79
N ARG A 455 3.49 13.70 -14.34
CA ARG A 455 2.57 12.60 -14.04
C ARG A 455 2.61 12.25 -12.55
N MET A 456 3.81 12.20 -11.96
CA MET A 456 3.89 12.00 -10.51
C MET A 456 3.17 13.10 -9.77
N ALA A 457 3.25 14.34 -10.26
CA ALA A 457 2.83 15.50 -9.49
C ALA A 457 1.31 15.61 -9.40
N PHE A 458 0.59 15.44 -10.51
CA PHE A 458 -0.86 15.60 -10.45
C PHE A 458 -1.57 14.32 -10.05
N ASN A 459 -0.87 13.19 -10.00
CA ASN A 459 -1.42 11.99 -9.37
C ASN A 459 -1.47 12.13 -7.85
N MET A 460 -0.47 12.79 -7.26
CA MET A 460 -0.34 12.77 -5.80
C MET A 460 -1.54 13.36 -5.08
N PRO A 461 -2.08 14.53 -5.47
CA PRO A 461 -3.25 15.05 -4.76
C PRO A 461 -4.45 14.11 -4.81
N VAL A 462 -4.60 13.35 -5.89
CA VAL A 462 -5.74 12.43 -6.00
C VAL A 462 -5.51 11.20 -5.14
N GLN A 463 -4.41 10.47 -5.38
CA GLN A 463 -4.09 9.31 -4.58
C GLN A 463 -3.91 9.69 -3.11
N GLY A 464 -3.31 10.86 -2.86
CA GLY A 464 -3.04 11.26 -1.48
C GLY A 464 -4.28 11.65 -0.72
N THR A 465 -5.23 12.30 -1.40
CA THR A 465 -6.50 12.64 -0.74
C THR A 465 -7.27 11.38 -0.37
N ALA A 466 -7.32 10.41 -1.29
CA ALA A 466 -7.93 9.13 -0.98
C ALA A 466 -7.27 8.49 0.22
N ALA A 467 -5.93 8.57 0.31
CA ALA A 467 -5.23 8.04 1.47
C ALA A 467 -5.56 8.83 2.73
N ASP A 468 -5.64 10.16 2.62
CA ASP A 468 -6.04 10.97 3.77
C ASP A 468 -7.42 10.53 4.27
N LEU A 469 -8.37 10.34 3.35
CA LEU A 469 -9.73 9.96 3.74
C LEU A 469 -9.74 8.61 4.43
N MET A 470 -9.04 7.62 3.86
CA MET A 470 -9.01 6.29 4.45
C MET A 470 -8.42 6.33 5.86
N LYS A 471 -7.33 7.10 6.04
CA LYS A 471 -6.72 7.21 7.36
C LYS A 471 -7.69 7.82 8.36
N LEU A 472 -8.36 8.91 7.98
CA LEU A 472 -9.30 9.55 8.88
C LEU A 472 -10.44 8.61 9.25
N ALA A 473 -10.88 7.79 8.29
CA ALA A 473 -11.93 6.82 8.58
C ALA A 473 -11.44 5.77 9.57
N MET A 474 -10.22 5.28 9.39
CA MET A 474 -9.67 4.32 10.36
C MET A 474 -9.64 4.91 11.76
N VAL A 475 -9.23 6.17 11.88
CA VAL A 475 -9.17 6.80 13.20
C VAL A 475 -10.55 6.92 13.82
N LYS A 476 -11.56 7.27 13.00
CA LYS A 476 -12.92 7.38 13.51
C LYS A 476 -13.51 6.02 13.84
N LEU A 477 -13.16 4.98 13.06
CA LEU A 477 -13.83 3.69 13.18
C LEU A 477 -13.27 2.86 14.32
N PHE A 478 -11.96 2.92 14.55
CA PHE A 478 -11.32 2.05 15.52
C PHE A 478 -12.00 2.05 16.89
N PRO A 479 -12.24 3.20 17.54
CA PRO A 479 -12.87 3.14 18.87
C PRO A 479 -14.27 2.54 18.84
N ARG A 480 -15.01 2.74 17.76
CA ARG A 480 -16.34 2.12 17.65
C ARG A 480 -16.22 0.61 17.61
N LEU A 481 -15.20 0.08 16.92
CA LEU A 481 -15.04 -1.36 16.82
C LEU A 481 -14.67 -1.97 18.17
N GLU A 482 -13.77 -1.31 18.90
CA GLU A 482 -13.44 -1.77 20.25
C GLU A 482 -14.70 -1.86 21.10
N GLU A 483 -15.57 -0.85 21.03
CA GLU A 483 -16.81 -0.87 21.80
C GLU A 483 -17.72 -2.01 21.37
N MET A 484 -17.65 -2.42 20.11
CA MET A 484 -18.47 -3.51 19.61
C MET A 484 -17.81 -4.87 19.78
N GLY A 485 -16.57 -4.92 20.26
CA GLY A 485 -15.87 -6.18 20.38
C GLY A 485 -15.38 -6.72 19.06
N ALA A 486 -15.22 -5.88 18.05
CA ALA A 486 -14.72 -6.28 16.75
C ALA A 486 -13.27 -5.85 16.58
N ARG A 487 -12.64 -6.37 15.53
CA ARG A 487 -11.22 -6.19 15.29
C ARG A 487 -10.98 -5.60 13.92
N MET A 488 -10.07 -4.63 13.85
CA MET A 488 -9.56 -4.12 12.58
C MET A 488 -8.28 -4.86 12.25
N LEU A 489 -8.26 -5.57 11.13
CA LEU A 489 -7.15 -6.45 10.79
C LEU A 489 -6.22 -5.87 9.73
N LEU A 490 -6.76 -5.45 8.60
CA LEU A 490 -5.94 -5.04 7.46
C LEU A 490 -6.50 -3.78 6.83
N GLN A 491 -5.61 -2.98 6.25
CA GLN A 491 -5.97 -1.89 5.36
C GLN A 491 -5.28 -2.11 4.03
N VAL A 492 -6.03 -2.01 2.94
CA VAL A 492 -5.49 -2.19 1.60
C VAL A 492 -5.79 -0.93 0.79
N HIS A 493 -5.31 0.21 1.29
CA HIS A 493 -5.35 1.50 0.60
C HIS A 493 -6.72 2.15 0.61
N ASP A 494 -7.74 1.51 0.04
CA ASP A 494 -9.10 2.01 0.12
C ASP A 494 -10.05 0.95 0.66
N GLU A 495 -9.50 -0.04 1.37
CA GLU A 495 -10.27 -1.17 1.86
C GLU A 495 -9.85 -1.48 3.28
N LEU A 496 -10.81 -1.88 4.10
CA LEU A 496 -10.55 -2.39 5.44
C LEU A 496 -11.08 -3.81 5.53
N VAL A 497 -10.33 -4.68 6.21
CA VAL A 497 -10.79 -6.02 6.56
C VAL A 497 -10.96 -6.07 8.07
N LEU A 498 -12.18 -6.32 8.51
CA LEU A 498 -12.51 -6.41 9.92
C LEU A 498 -12.83 -7.85 10.30
N GLU A 499 -12.81 -8.11 11.59
CA GLU A 499 -13.16 -9.42 12.14
C GLU A 499 -14.12 -9.19 13.29
N ALA A 500 -15.28 -9.84 13.23
CA ALA A 500 -16.34 -9.60 14.20
C ALA A 500 -16.96 -10.92 14.62
N PRO A 501 -17.47 -11.01 15.85
CA PRO A 501 -18.28 -12.18 16.22
C PRO A 501 -19.44 -12.35 15.25
N LYS A 502 -19.75 -13.60 14.93
CA LYS A 502 -20.76 -13.88 13.91
C LYS A 502 -22.05 -13.13 14.19
N GLU A 503 -22.50 -13.12 15.45
CA GLU A 503 -23.79 -12.51 15.78
C GLU A 503 -23.75 -10.99 15.67
N ARG A 504 -22.58 -10.37 15.69
CA ARG A 504 -22.45 -8.93 15.54
C ARG A 504 -21.94 -8.51 14.17
N ALA A 505 -21.67 -9.47 13.28
CA ALA A 505 -21.03 -9.15 12.02
C ALA A 505 -21.86 -8.17 11.19
N GLU A 506 -23.19 -8.34 11.20
CA GLU A 506 -24.04 -7.45 10.42
C GLU A 506 -24.03 -6.03 10.98
N ALA A 507 -24.16 -5.89 12.30
CA ALA A 507 -24.16 -4.56 12.89
C ALA A 507 -22.82 -3.86 12.67
N VAL A 508 -21.72 -4.61 12.75
CA VAL A 508 -20.40 -4.04 12.50
C VAL A 508 -20.29 -3.59 11.04
N ALA A 509 -20.76 -4.42 10.11
CA ALA A 509 -20.68 -4.07 8.70
C ALA A 509 -21.46 -2.81 8.40
N ARG A 510 -22.67 -2.69 8.96
CA ARG A 510 -23.48 -1.49 8.75
C ARG A 510 -22.81 -0.26 9.33
N LEU A 511 -22.27 -0.38 10.55
CA LEU A 511 -21.63 0.77 11.18
C LEU A 511 -20.36 1.17 10.44
N ALA A 512 -19.51 0.20 10.14
CA ALA A 512 -18.26 0.51 9.44
C ALA A 512 -18.53 1.17 8.09
N LYS A 513 -19.56 0.71 7.39
CA LYS A 513 -19.94 1.31 6.12
C LYS A 513 -20.33 2.77 6.29
N GLU A 514 -21.14 3.07 7.32
CA GLU A 514 -21.62 4.43 7.50
C GLU A 514 -20.49 5.36 7.91
N VAL A 515 -19.59 4.90 8.78
CA VAL A 515 -18.46 5.73 9.19
C VAL A 515 -17.59 6.06 7.98
N MET A 516 -17.31 5.06 7.14
CA MET A 516 -16.43 5.28 6.00
C MET A 516 -17.08 6.20 4.98
N GLU A 517 -18.38 6.02 4.71
CA GLU A 517 -19.06 6.85 3.71
C GLU A 517 -19.21 8.30 4.19
N GLY A 518 -19.34 8.51 5.49
CA GLY A 518 -19.47 9.84 6.05
C GLY A 518 -18.20 10.45 6.58
N VAL A 519 -17.03 9.89 6.25
CA VAL A 519 -15.77 10.33 6.83
C VAL A 519 -15.58 11.82 6.65
N TYR A 520 -15.87 12.33 5.45
CA TYR A 520 -15.64 13.73 5.13
C TYR A 520 -16.44 14.09 3.89
N PRO A 521 -17.66 14.61 4.04
CA PRO A 521 -18.52 14.85 2.87
C PRO A 521 -17.84 15.66 1.79
N LEU A 522 -17.95 15.18 0.55
CA LEU A 522 -17.39 15.83 -0.63
C LEU A 522 -18.52 16.29 -1.54
N ALA A 523 -18.13 16.81 -2.71
CA ALA A 523 -19.13 17.21 -3.70
C ALA A 523 -19.87 16.03 -4.28
N VAL A 524 -19.34 14.81 -4.09
CA VAL A 524 -20.02 13.59 -4.52
C VAL A 524 -20.11 12.66 -3.31
N PRO A 525 -21.08 11.75 -3.32
CA PRO A 525 -21.16 10.76 -2.25
C PRO A 525 -20.01 9.76 -2.34
N LEU A 526 -19.55 9.32 -1.17
CA LEU A 526 -18.56 8.25 -1.07
C LEU A 526 -19.30 6.97 -0.74
N GLU A 527 -19.44 6.09 -1.74
CA GLU A 527 -20.13 4.82 -1.55
C GLU A 527 -19.10 3.74 -1.21
N VAL A 528 -19.47 2.87 -0.27
CA VAL A 528 -18.60 1.81 0.21
C VAL A 528 -19.32 0.48 -0.01
N GLU A 529 -18.64 -0.44 -0.71
CA GLU A 529 -19.14 -1.79 -0.90
C GLU A 529 -18.70 -2.67 0.26
N VAL A 530 -19.59 -3.55 0.71
CA VAL A 530 -19.37 -4.32 1.93
C VAL A 530 -19.77 -5.76 1.69
N GLY A 531 -18.92 -6.69 2.18
CA GLY A 531 -19.26 -8.10 2.17
C GLY A 531 -18.85 -8.74 3.47
N ILE A 532 -19.45 -9.90 3.74
CA ILE A 532 -19.21 -10.66 4.95
C ILE A 532 -19.01 -12.11 4.57
N GLY A 533 -17.98 -12.75 5.13
CA GLY A 533 -17.72 -14.14 4.83
C GLY A 533 -16.68 -14.70 5.78
N GLU A 534 -16.58 -16.03 5.77
CA GLU A 534 -15.60 -16.73 6.59
C GLU A 534 -14.18 -16.61 6.07
N ASP A 535 -14.00 -16.21 4.82
CA ASP A 535 -12.68 -15.99 4.25
C ASP A 535 -12.70 -14.69 3.44
N TRP A 536 -11.50 -14.18 3.15
CA TRP A 536 -11.37 -12.85 2.56
C TRP A 536 -12.03 -12.81 1.19
N LEU A 537 -11.87 -13.86 0.38
CA LEU A 537 -12.50 -13.89 -0.93
C LEU A 537 -14.02 -13.88 -0.80
N SER A 538 -14.56 -14.68 0.11
CA SER A 538 -16.00 -14.72 0.31
C SER A 538 -16.54 -13.35 0.71
N ALA A 539 -15.78 -12.61 1.52
CA ALA A 539 -16.21 -11.28 1.95
C ALA A 539 -16.14 -10.24 0.85
N LYS A 540 -15.66 -10.60 -0.34
CA LYS A 540 -15.57 -9.66 -1.46
C LYS A 540 -16.72 -9.87 -2.44
O D4B B 8 10.89 -8.95 -14.23
C1' D4B B 8 9.82 -8.93 -13.33
C10 D4B B 8 11.30 -1.63 -14.78
C11 D4B B 8 11.56 -0.39 -15.35
C12 D4B B 8 11.10 -0.57 -12.60
C13 D4B B 8 11.36 0.67 -13.18
C14 D4B B 8 11.60 0.76 -14.55
C15 D4B B 8 11.90 1.97 -15.23
C16 D4B B 8 12.13 3.03 -15.68
C2 D4B B 8 9.93 -7.96 -10.96
C2' D4B B 8 8.62 -8.64 -14.30
C3' D4B B 8 8.99 -9.57 -15.48
C4 D4B B 8 10.22 -6.50 -12.85
C4' D4B B 8 10.48 -9.92 -15.16
C5 D4B B 8 10.39 -5.40 -11.98
C5' D4B B 8 11.29 -9.89 -16.50
C6 D4B B 8 10.31 -5.69 -10.57
C7 D4B B 8 10.63 -4.12 -12.48
C8 D4B B 8 10.82 -3.01 -12.86
C9 D4B B 8 11.06 -1.73 -13.39
N1 D4B B 8 10.09 -6.91 -10.06
N3 D4B B 8 10.00 -7.73 -12.39
N6 D4B B 8 10.47 -4.70 -9.64
O1 D4B B 8 11.17 -8.72 -17.16
O2 D4B B 8 9.73 -9.10 -10.55
OP1 D4B B 8 11.95 -6.94 -18.92
O3' D4B B 8 8.18 -10.70 -15.56
P D4B B 8 12.51 -8.17 -18.22
OP2 D4B B 8 12.54 -9.41 -19.11
H1' D4B B 8 9.89 -9.89 -12.84
H2 D4B B 8 11.26 -2.52 -15.40
H11 D4B B 8 11.74 -0.31 -16.42
H14 D4B B 8 10.91 -0.65 -11.53
H15 D4B B 8 11.40 1.56 -12.57
H16 D4B B 8 12.35 4.01 -16.10
H2'A D4B B 8 8.51 -7.61 -14.62
H2'B D4B B 8 7.69 -8.94 -13.81
H3' D4B B 8 8.86 -9.11 -16.46
H4 D4B B 8 10.28 -6.34 -13.93
H4' D4B B 8 10.64 -10.87 -14.63
H5'B D4B B 8 10.97 -10.73 -17.12
H5'A D4B B 8 12.33 -10.09 -16.22
HN2 D4B B 8 10.41 -4.92 -8.65
HN1 D4B B 8 10.65 -3.74 -9.91
MN MN D . -12.28 0.72 -4.37
MN MN E . -9.74 -1.53 -3.15
C1 EDO F . -10.62 -25.32 13.06
O1 EDO F . -11.43 -24.74 12.03
C2 EDO F . -11.43 -25.47 14.34
O2 EDO F . -10.80 -26.39 15.22
H11 EDO F . -10.27 -26.31 12.74
H12 EDO F . -9.75 -24.70 13.24
HO1 EDO F . -10.90 -24.66 11.22
H21 EDO F . -12.44 -25.82 14.10
H22 EDO F . -11.52 -24.49 14.83
HO2 EDO F . -11.33 -26.47 16.03
C1 EDO G . 14.23 -1.13 15.62
O1 EDO G . 14.60 -0.40 14.44
C2 EDO G . 15.28 -0.89 16.70
O2 EDO G . 16.50 -1.54 16.32
H11 EDO G . 14.16 -2.19 15.40
H12 EDO G . 13.26 -0.78 15.98
HO1 EDO G . 13.92 -0.55 13.76
H21 EDO G . 14.93 -1.30 17.66
H22 EDO G . 15.45 0.18 16.83
HO2 EDO G . 17.17 -1.39 17.01
C1 EDO H . 8.38 1.98 11.59
O1 EDO H . 7.44 1.96 10.52
C2 EDO H . 7.66 2.25 12.90
O2 EDO H . 6.68 1.24 13.12
H11 EDO H . 9.14 2.75 11.41
H12 EDO H . 8.90 1.02 11.65
HO1 EDO H . 7.91 1.78 9.69
H21 EDO H . 7.18 3.23 12.85
H22 EDO H . 8.37 2.26 13.73
HO2 EDO H . 6.22 1.41 13.95
C1 EDO I . -20.21 1.44 18.83
O1 EDO I . -19.86 2.72 19.37
C2 EDO I . -21.68 1.14 19.09
O2 EDO I . -22.50 2.04 18.34
H11 EDO I . -19.60 0.67 19.29
H12 EDO I . -20.02 1.43 17.75
HO1 EDO I . -18.93 2.90 19.20
H21 EDO I . -21.90 1.24 20.16
H22 EDO I . -21.91 0.11 18.79
HO2 EDO I . -23.44 1.84 18.51
N1 XG4 J . -3.43 2.66 -11.79
C2 XG4 J . -3.51 3.77 -10.98
N2 XG4 J . -2.87 4.87 -11.39
N3 XG4 J . -4.17 3.80 -9.83
C4 XG4 J . -4.75 2.61 -9.53
C5 XG4 J . -4.72 1.44 -10.27
C6 XG4 J . -4.01 1.44 -11.51
O6 XG4 J . -3.90 0.50 -12.29
N7 XG4 J . -5.44 0.45 -9.61
C8 XG4 J . -5.90 1.03 -8.54
N9 XG4 J . -5.53 2.35 -8.43
PA XG4 J . -9.65 -0.31 -6.28
PB XG4 J . -11.72 1.47 -7.40
PG XG4 J . -14.10 -0.18 -7.13
C1' XG4 J . -5.99 3.35 -7.46
O1A XG4 J . -10.35 -0.49 -5.03
O1B XG4 J . -11.80 2.08 -6.09
O1G XG4 J . -15.51 0.33 -7.22
C2' XG4 J . -7.19 4.15 -7.96
O2A XG4 J . -9.11 -1.72 -6.76
O2B XG4 J . -11.32 2.58 -8.44
O2G XG4 J . -13.90 -1.52 -7.81
C3' XG4 J . -8.37 3.39 -7.35
O3' XG4 J . -9.49 4.26 -7.19
N3A XG4 J . -10.62 0.28 -7.46
O3B XG4 J . -13.11 0.85 -7.86
O3G XG4 J . -13.59 -0.29 -5.70
C4' XG4 J . -7.79 2.98 -6.01
O4' XG4 J . -6.41 2.66 -6.28
C5' XG4 J . -8.47 1.80 -5.34
O5' XG4 J . -8.41 0.66 -6.20
HN1 XG4 J . -2.92 2.71 -12.65
HN2 XG4 J . -2.33 4.92 -12.26
HN2A XG4 J . -2.90 5.71 -10.82
H8 XG4 J . -6.52 0.52 -7.79
H1' XG4 J . -5.14 3.96 -7.18
H2' XG4 J . -7.22 4.16 -9.05
H2'A XG4 J . -7.16 5.20 -7.68
H3' XG4 J . -8.64 2.52 -7.95
HO3' XG4 J . -10.20 3.88 -7.79
HN3A XG4 J . -10.53 -0.17 -8.37
H4' XG4 J . -7.76 3.82 -5.32
H5' XG4 J . -9.50 2.07 -5.06
H5'A XG4 J . -7.93 1.51 -4.44
C1 EDO K . 23.52 -16.76 -6.15
C1 EDO K . 24.30 -17.43 -5.70
O1 EDO K . 24.52 -15.80 -6.46
O1 EDO K . 25.14 -16.36 -5.27
C2 EDO K . 22.97 -16.50 -4.75
C2 EDO K . 22.94 -17.34 -5.04
O2 EDO K . 24.04 -16.59 -3.80
O2 EDO K . 22.33 -16.09 -5.37
H11 EDO K . 23.94 -17.77 -6.20
H11 EDO K . 24.78 -18.39 -5.44
H12 EDO K . 22.71 -16.70 -6.88
H12 EDO K . 24.20 -17.40 -6.78
HO1 EDO K . 24.86 -15.96 -7.36
HO1 EDO K . 26.00 -16.42 -5.69
H21 EDO K . 22.20 -17.24 -4.51
H21 EDO K . 23.05 -17.42 -3.95
H22 EDO K . 22.52 -15.51 -4.71
H22 EDO K . 22.30 -18.16 -5.38
HO2 EDO K . 23.69 -16.43 -2.91
HO2 EDO K . 21.46 -16.03 -4.94
C1 EDO L . 8.68 7.74 -7.37
O1 EDO L . 8.30 6.91 -8.47
C2 EDO L . 8.63 6.94 -6.09
O2 EDO L . 9.05 7.75 -4.98
H11 EDO L . 8.01 8.60 -7.31
H12 EDO L . 9.70 8.12 -7.53
HO1 EDO L . 8.34 7.42 -9.29
H21 EDO L . 9.27 6.06 -6.17
H22 EDO L . 7.60 6.60 -5.92
HO2 EDO L . 9.01 7.24 -4.17
#